data_2MP0
#
_entry.id   2MP0
#
loop_
_entity.id
_entity.type
_entity.pdbx_description
1 polymer 'Phosphoenolpyruvate-protein phosphotransferase'
2 polymer 'Glucose-specific phosphotransferase enzyme IIA component'
3 non-polymer 'PHOSPHITE ION'
#
loop_
_entity_poly.entity_id
_entity_poly.type
_entity_poly.pdbx_seq_one_letter_code
_entity_poly.pdbx_strand_id
1 'polypeptide(L)'
;MISGILASPGIAFGKALLLKEDEIVIDRKKISADQVDQEVERFLSGRAKASAQLETIKTKAGETFGEEKEAIFEGHIMLL
EDEELEQEIIALIKDKHMTADAAAHEVIEGQASALEELDDEYLKERAADVRDIGKRLLRNILGLKIIDLSAIQDEVILVA
ADLTPSETAQLNLKKVLGFITDAGGRTSHTSIMARSLELPAIVGTGSVTSQVKNDDYLILDAVNNQVYVNPTNEVIDKMR
AVQEQVASEKAELAKLKD
;
A
2 'polypeptide(L)'
;GLFDKLKSLVSDDKKDTGTIEIIAPLSGEIVNIEDVPDVVFAEKIVGDGIAIKPTGNKMVAPVDGTIGKIFETNHAFSIE
SDSGVELFVHFGIDTVELKGEGFKRIAEEGQRVKVGDTVIEFDLPLLEEKAKSTLTPVVISNMDEIKELIKLSGSVTVGE
TPVIRIKK
;
B
#
# COMPACT_ATOMS: atom_id res chain seq x y z
N MET A 1 -24.02 6.94 -21.38
CA MET A 1 -22.70 6.79 -22.06
C MET A 1 -21.58 7.23 -21.12
N ILE A 2 -21.29 6.42 -20.13
CA ILE A 2 -20.19 6.76 -19.15
C ILE A 2 -18.99 5.84 -19.41
N SER A 3 -17.81 6.39 -19.53
CA SER A 3 -16.60 5.56 -19.80
C SER A 3 -15.47 5.90 -18.82
N GLY A 4 -14.74 4.92 -18.36
CA GLY A 4 -13.61 5.16 -17.41
C GLY A 4 -12.33 4.58 -18.03
N ILE A 5 -11.32 4.31 -17.23
CA ILE A 5 -10.04 3.77 -17.81
C ILE A 5 -10.02 2.24 -17.74
N LEU A 6 -10.91 1.64 -17.01
CA LEU A 6 -10.91 0.14 -16.91
C LEU A 6 -9.53 -0.34 -16.48
N ALA A 7 -9.39 -0.73 -15.24
CA ALA A 7 -8.07 -1.21 -14.74
C ALA A 7 -8.01 -2.74 -14.80
N SER A 8 -9.14 -3.39 -14.76
CA SER A 8 -9.16 -4.88 -14.83
C SER A 8 -10.36 -5.32 -15.68
N PRO A 9 -10.16 -6.14 -16.70
CA PRO A 9 -11.28 -6.62 -17.56
C PRO A 9 -12.04 -7.78 -16.91
N GLY A 10 -13.33 -7.83 -17.08
CA GLY A 10 -14.13 -8.94 -16.46
C GLY A 10 -15.60 -8.53 -16.45
N ILE A 11 -16.41 -9.16 -15.64
CA ILE A 11 -17.86 -8.77 -15.56
C ILE A 11 -18.35 -9.05 -14.14
N ALA A 12 -19.32 -8.31 -13.65
CA ALA A 12 -19.81 -8.57 -12.27
C ALA A 12 -21.24 -8.06 -12.08
N PHE A 13 -21.96 -8.64 -11.15
CA PHE A 13 -23.37 -8.21 -10.87
C PHE A 13 -23.53 -8.08 -9.35
N GLY A 14 -23.98 -6.96 -8.84
CA GLY A 14 -24.14 -6.86 -7.36
C GLY A 14 -24.70 -5.48 -6.95
N LYS A 15 -24.90 -5.28 -5.68
CA LYS A 15 -25.45 -3.98 -5.18
C LYS A 15 -24.30 -2.96 -5.12
N ALA A 16 -24.64 -1.69 -5.11
CA ALA A 16 -23.57 -0.63 -5.08
C ALA A 16 -23.45 0.00 -3.69
N LEU A 17 -22.24 0.06 -3.18
CA LEU A 17 -22.01 0.67 -1.84
C LEU A 17 -21.46 2.09 -2.06
N LEU A 18 -21.97 3.07 -1.35
CA LEU A 18 -21.48 4.47 -1.53
C LEU A 18 -20.83 5.00 -0.25
N LEU A 19 -19.59 5.41 -0.34
CA LEU A 19 -18.88 5.92 0.86
C LEU A 19 -19.13 7.43 1.03
N LYS A 20 -19.99 7.80 1.94
CA LYS A 20 -20.29 9.25 2.17
C LYS A 20 -19.47 9.77 3.36
N GLU A 21 -18.85 10.93 3.24
CA GLU A 21 -18.05 11.48 4.38
C GLU A 21 -18.46 12.93 4.62
N ASP A 22 -18.74 13.30 5.84
CA ASP A 22 -19.13 14.71 6.12
C ASP A 22 -17.88 15.59 6.10
N GLU A 23 -18.01 16.81 5.68
CA GLU A 23 -16.82 17.71 5.63
C GLU A 23 -16.35 18.01 7.07
N ILE A 24 -15.06 18.03 7.27
CA ILE A 24 -14.53 18.30 8.64
C ILE A 24 -14.59 19.79 8.93
N VAL A 25 -15.12 20.17 10.06
CA VAL A 25 -15.22 21.63 10.41
C VAL A 25 -14.06 22.01 11.32
N ILE A 26 -13.32 23.04 10.94
CA ILE A 26 -12.17 23.50 11.77
C ILE A 26 -12.55 24.79 12.48
N ASP A 27 -12.22 24.93 13.74
CA ASP A 27 -12.58 26.17 14.49
C ASP A 27 -11.45 27.19 14.40
N ARG A 28 -11.73 28.35 13.87
CA ARG A 28 -10.66 29.40 13.76
C ARG A 28 -10.64 30.22 15.04
N LYS A 29 -11.53 29.96 15.95
CA LYS A 29 -11.57 30.72 17.22
C LYS A 29 -10.27 30.49 17.99
N LYS A 30 -9.71 31.51 18.59
CA LYS A 30 -8.45 31.34 19.36
C LYS A 30 -8.79 30.90 20.78
N ILE A 31 -7.93 30.16 21.41
CA ILE A 31 -8.19 29.69 22.80
C ILE A 31 -7.54 30.62 23.82
N SER A 32 -7.93 30.53 25.06
CA SER A 32 -7.31 31.38 26.12
C SER A 32 -6.20 30.57 26.81
N ALA A 33 -5.44 31.19 27.66
CA ALA A 33 -4.35 30.45 28.35
C ALA A 33 -4.95 29.27 29.14
N ASP A 34 -5.96 29.51 29.93
CA ASP A 34 -6.56 28.39 30.70
C ASP A 34 -6.94 27.26 29.75
N GLN A 35 -7.27 27.59 28.52
CA GLN A 35 -7.66 26.54 27.54
C GLN A 35 -6.42 25.91 26.89
N VAL A 36 -5.26 26.47 27.11
CA VAL A 36 -4.05 25.86 26.49
C VAL A 36 -3.85 24.46 27.09
N ASP A 37 -3.81 24.37 28.39
CA ASP A 37 -3.62 23.04 29.03
C ASP A 37 -4.75 22.09 28.63
N GLN A 38 -5.96 22.57 28.56
CA GLN A 38 -7.08 21.66 28.21
C GLN A 38 -6.98 21.22 26.74
N GLU A 39 -6.61 22.09 25.86
CA GLU A 39 -6.51 21.68 24.43
C GLU A 39 -5.42 20.63 24.25
N VAL A 40 -4.31 20.79 24.91
CA VAL A 40 -3.24 19.77 24.78
C VAL A 40 -3.79 18.42 25.24
N GLU A 41 -4.45 18.39 26.37
CA GLU A 41 -5.02 17.12 26.87
C GLU A 41 -6.02 16.56 25.86
N ARG A 42 -6.83 17.41 25.27
CA ARG A 42 -7.80 16.90 24.26
C ARG A 42 -7.01 16.26 23.12
N PHE A 43 -5.96 16.90 22.69
CA PHE A 43 -5.12 16.33 21.60
C PHE A 43 -4.55 14.99 22.08
N LEU A 44 -3.97 14.97 23.25
CA LEU A 44 -3.41 13.70 23.79
C LEU A 44 -4.55 12.68 23.94
N SER A 45 -5.67 13.09 24.47
CA SER A 45 -6.80 12.14 24.64
C SER A 45 -7.28 11.68 23.25
N GLY A 46 -7.41 12.60 22.32
CA GLY A 46 -7.85 12.22 20.95
C GLY A 46 -6.74 11.40 20.29
N ARG A 47 -5.52 11.80 20.49
CA ARG A 47 -4.38 11.06 19.91
C ARG A 47 -4.32 9.68 20.56
N ALA A 48 -4.72 9.60 21.79
CA ALA A 48 -4.71 8.29 22.50
C ALA A 48 -5.60 7.31 21.75
N LYS A 49 -6.74 7.75 21.28
CA LYS A 49 -7.62 6.81 20.53
C LYS A 49 -6.88 6.39 19.26
N ALA A 50 -6.77 7.26 18.29
CA ALA A 50 -6.07 6.89 17.01
C ALA A 50 -4.86 5.99 17.27
N SER A 51 -4.17 6.19 18.36
CA SER A 51 -3.00 5.31 18.61
C SER A 51 -3.48 3.86 18.65
N ALA A 52 -4.42 3.57 19.49
CA ALA A 52 -4.93 2.18 19.60
C ALA A 52 -5.74 1.78 18.34
N GLN A 53 -6.54 2.66 17.80
CA GLN A 53 -7.33 2.27 16.58
C GLN A 53 -6.39 2.05 15.39
N LEU A 54 -5.38 2.87 15.23
CA LEU A 54 -4.45 2.66 14.10
C LEU A 54 -3.76 1.31 14.26
N GLU A 55 -3.41 0.96 15.46
CA GLU A 55 -2.75 -0.35 15.71
C GLU A 55 -3.69 -1.49 15.30
N THR A 56 -4.97 -1.33 15.55
CA THR A 56 -5.93 -2.41 15.18
C THR A 56 -5.93 -2.59 13.66
N ILE A 57 -5.89 -1.52 12.93
CA ILE A 57 -5.89 -1.61 11.44
C ILE A 57 -4.62 -2.35 10.98
N LYS A 58 -3.52 -2.09 11.62
CA LYS A 58 -2.24 -2.75 11.23
C LYS A 58 -2.40 -4.28 11.30
N THR A 59 -2.89 -4.78 12.40
CA THR A 59 -3.04 -6.24 12.56
C THR A 59 -3.94 -6.81 11.45
N LYS A 60 -4.92 -6.08 11.02
CA LYS A 60 -5.82 -6.60 9.95
C LYS A 60 -5.05 -6.67 8.64
N ALA A 61 -4.20 -5.72 8.40
CA ALA A 61 -3.41 -5.71 7.14
C ALA A 61 -2.47 -6.92 7.13
N GLY A 62 -1.82 -7.18 8.23
CA GLY A 62 -0.88 -8.33 8.28
C GLY A 62 -1.61 -9.64 7.99
N GLU A 63 -2.69 -9.92 8.68
CA GLU A 63 -3.40 -11.17 8.40
C GLU A 63 -4.07 -11.12 7.05
N THR A 64 -4.73 -10.03 6.74
CA THR A 64 -5.44 -9.91 5.44
C THR A 64 -4.49 -9.94 4.24
N PHE A 65 -3.61 -8.97 4.13
CA PHE A 65 -2.68 -8.93 2.95
C PHE A 65 -1.33 -9.55 3.29
N GLY A 66 -0.71 -9.18 4.38
CA GLY A 66 0.63 -9.79 4.72
C GLY A 66 1.57 -8.76 5.35
N GLU A 67 2.83 -9.11 5.46
CA GLU A 67 3.85 -8.20 6.06
C GLU A 67 4.12 -7.03 5.11
N GLU A 68 3.88 -7.22 3.84
CA GLU A 68 4.12 -6.14 2.85
C GLU A 68 3.22 -4.94 3.17
N LYS A 69 2.03 -5.18 3.63
CA LYS A 69 1.09 -4.07 3.96
C LYS A 69 1.13 -3.78 5.46
N GLU A 70 1.57 -4.69 6.26
CA GLU A 70 1.60 -4.46 7.73
C GLU A 70 2.62 -3.37 8.09
N ALA A 71 3.77 -3.42 7.49
CA ALA A 71 4.83 -2.42 7.84
C ALA A 71 4.44 -1.03 7.36
N ILE A 72 3.66 -0.89 6.32
CA ILE A 72 3.31 0.49 5.88
C ILE A 72 2.59 1.19 7.03
N PHE A 73 1.74 0.49 7.75
CA PHE A 73 1.05 1.14 8.89
C PHE A 73 2.05 1.52 9.97
N GLU A 74 3.03 0.70 10.21
CA GLU A 74 4.03 1.05 11.26
C GLU A 74 4.71 2.36 10.89
N GLY A 75 5.02 2.55 9.63
CA GLY A 75 5.66 3.84 9.23
C GLY A 75 4.70 4.98 9.53
N HIS A 76 3.47 4.85 9.12
CA HIS A 76 2.47 5.92 9.38
C HIS A 76 2.34 6.13 10.88
N ILE A 77 2.23 5.06 11.64
CA ILE A 77 2.10 5.21 13.10
C ILE A 77 3.41 5.77 13.66
N MET A 78 4.53 5.22 13.26
CA MET A 78 5.84 5.73 13.78
C MET A 78 6.00 7.21 13.43
N LEU A 79 5.61 7.58 12.25
CA LEU A 79 5.74 9.02 11.86
C LEU A 79 4.82 9.87 12.73
N LEU A 80 3.65 9.38 13.00
CA LEU A 80 2.69 10.16 13.83
C LEU A 80 3.27 10.37 15.23
N GLU A 81 3.91 9.37 15.76
CA GLU A 81 4.48 9.50 17.14
C GLU A 81 5.85 10.20 17.08
N ASP A 82 6.25 10.67 15.93
CA ASP A 82 7.57 11.36 15.83
C ASP A 82 7.67 12.44 16.91
N GLU A 83 8.75 12.44 17.66
CA GLU A 83 8.92 13.45 18.74
C GLU A 83 8.91 14.87 18.18
N GLU A 84 9.14 15.02 16.91
CA GLU A 84 9.11 16.39 16.32
C GLU A 84 7.67 16.90 16.27
N LEU A 85 6.75 16.02 16.01
CA LEU A 85 5.31 16.41 15.95
C LEU A 85 4.80 16.77 17.35
N GLU A 86 5.21 16.02 18.33
CA GLU A 86 4.73 16.29 19.72
C GLU A 86 5.18 17.70 20.13
N GLN A 87 6.42 18.03 19.93
CA GLN A 87 6.91 19.37 20.32
C GLN A 87 6.31 20.46 19.41
N GLU A 88 6.23 20.21 18.13
CA GLU A 88 5.68 21.24 17.19
C GLU A 88 4.17 21.44 17.39
N ILE A 89 3.42 20.40 17.61
CA ILE A 89 1.96 20.57 17.80
C ILE A 89 1.72 21.30 19.12
N ILE A 90 2.39 20.89 20.16
CA ILE A 90 2.22 21.54 21.48
C ILE A 90 2.76 22.98 21.48
N ALA A 91 3.86 23.20 20.81
CA ALA A 91 4.44 24.57 20.79
C ALA A 91 3.46 25.58 20.17
N LEU A 92 2.87 25.28 19.05
CA LEU A 92 1.93 26.24 18.41
C LEU A 92 0.75 26.51 19.36
N ILE A 93 0.18 25.48 19.93
CA ILE A 93 -0.95 25.68 20.88
C ILE A 93 -0.46 26.52 22.06
N LYS A 94 0.65 26.15 22.61
CA LYS A 94 1.19 26.93 23.78
C LYS A 94 1.70 28.30 23.31
N ASP A 95 2.37 28.37 22.18
CA ASP A 95 2.91 29.69 21.73
C ASP A 95 1.85 30.52 21.00
N LYS A 96 1.17 29.95 20.04
CA LYS A 96 0.15 30.76 19.27
C LYS A 96 -1.25 30.66 19.88
N HIS A 97 -1.42 29.92 20.94
CA HIS A 97 -2.78 29.76 21.56
C HIS A 97 -3.82 29.36 20.52
N MET A 98 -3.40 28.47 19.64
CA MET A 98 -4.31 27.97 18.56
C MET A 98 -5.02 26.70 19.02
N THR A 99 -6.00 26.24 18.28
CA THR A 99 -6.73 25.01 18.68
C THR A 99 -5.93 23.77 18.27
N ALA A 100 -6.20 22.64 18.87
CA ALA A 100 -5.45 21.39 18.52
C ALA A 100 -5.79 20.94 17.10
N ASP A 101 -7.04 21.02 16.71
CA ASP A 101 -7.41 20.58 15.34
C ASP A 101 -6.85 21.58 14.32
N ALA A 102 -6.80 22.84 14.66
CA ALA A 102 -6.25 23.84 13.69
C ALA A 102 -4.71 23.82 13.74
N ALA A 103 -4.16 23.70 14.92
CA ALA A 103 -2.68 23.68 15.05
C ALA A 103 -2.12 22.36 14.50
N ALA A 104 -2.72 21.26 14.85
CA ALA A 104 -2.22 19.94 14.34
C ALA A 104 -2.32 19.91 12.82
N HIS A 105 -3.37 20.45 12.27
CA HIS A 105 -3.54 20.42 10.78
C HIS A 105 -2.37 21.15 10.12
N GLU A 106 -1.93 22.22 10.69
CA GLU A 106 -0.80 22.99 10.08
C GLU A 106 0.47 22.14 10.09
N VAL A 107 0.72 21.42 11.14
CA VAL A 107 1.96 20.60 11.22
C VAL A 107 1.97 19.52 10.14
N ILE A 108 0.96 18.70 10.06
CA ILE A 108 0.95 17.62 9.03
C ILE A 108 0.80 18.27 7.65
N GLU A 109 -0.04 19.26 7.54
CA GLU A 109 -0.22 19.95 6.23
C GLU A 109 1.09 20.63 5.85
N GLY A 110 1.74 21.21 6.82
CA GLY A 110 3.04 21.91 6.54
C GLY A 110 4.03 20.95 5.90
N GLN A 111 4.23 19.78 6.46
CA GLN A 111 5.20 18.83 5.84
C GLN A 111 4.66 18.36 4.48
N ALA A 112 3.45 17.87 4.45
CA ALA A 112 2.88 17.40 3.16
C ALA A 112 2.95 18.55 2.14
N SER A 113 2.68 19.75 2.58
CA SER A 113 2.74 20.90 1.64
C SER A 113 4.15 21.01 1.07
N ALA A 114 5.15 20.80 1.89
CA ALA A 114 6.55 20.88 1.38
C ALA A 114 6.76 19.78 0.35
N LEU A 115 6.22 18.61 0.60
CA LEU A 115 6.41 17.49 -0.37
C LEU A 115 5.77 17.85 -1.71
N GLU A 116 4.61 18.46 -1.71
CA GLU A 116 3.96 18.80 -3.00
C GLU A 116 4.86 19.73 -3.82
N GLU A 117 5.59 20.63 -3.16
CA GLU A 117 6.47 21.50 -3.94
C GLU A 117 7.41 20.68 -4.79
N LEU A 118 7.59 19.42 -4.44
CA LEU A 118 8.51 18.56 -5.24
C LEU A 118 7.98 18.43 -6.66
N ASP A 119 8.86 18.31 -7.62
CA ASP A 119 8.42 18.18 -9.04
C ASP A 119 8.43 16.70 -9.47
N ASP A 120 8.00 15.81 -8.60
CA ASP A 120 7.98 14.35 -8.94
C ASP A 120 6.62 13.73 -8.60
N GLU A 121 6.08 12.95 -9.51
CA GLU A 121 4.77 12.29 -9.28
C GLU A 121 4.90 11.19 -8.22
N TYR A 122 6.05 10.58 -8.13
CA TYR A 122 6.27 9.50 -7.12
C TYR A 122 6.36 10.08 -5.71
N LEU A 123 7.00 11.21 -5.55
CA LEU A 123 7.10 11.82 -4.20
C LEU A 123 5.75 12.42 -3.82
N LYS A 124 5.04 12.93 -4.80
CA LYS A 124 3.71 13.55 -4.53
C LYS A 124 2.74 12.48 -3.97
N GLU A 125 2.74 11.29 -4.52
CA GLU A 125 1.80 10.25 -3.99
C GLU A 125 2.11 9.97 -2.52
N ARG A 126 3.35 9.85 -2.16
CA ARG A 126 3.68 9.59 -0.72
C ARG A 126 3.15 10.76 0.10
N ALA A 127 3.21 11.95 -0.42
CA ALA A 127 2.66 13.11 0.33
C ALA A 127 1.17 12.89 0.55
N ALA A 128 0.56 12.11 -0.32
CA ALA A 128 -0.90 11.82 -0.16
C ALA A 128 -1.08 10.91 1.05
N ASP A 129 -0.20 9.96 1.23
CA ASP A 129 -0.33 9.03 2.38
C ASP A 129 -0.10 9.81 3.68
N VAL A 130 0.84 10.71 3.67
CA VAL A 130 1.11 11.52 4.91
C VAL A 130 -0.08 12.44 5.17
N ARG A 131 -0.63 13.02 4.13
CA ARG A 131 -1.81 13.91 4.30
C ARG A 131 -2.97 13.12 4.92
N ASP A 132 -3.14 11.90 4.50
CA ASP A 132 -4.25 11.05 5.02
C ASP A 132 -4.11 10.88 6.54
N ILE A 133 -2.91 10.71 7.02
CA ILE A 133 -2.72 10.50 8.48
C ILE A 133 -3.25 11.71 9.25
N GLY A 134 -2.93 12.90 8.80
CA GLY A 134 -3.42 14.11 9.51
C GLY A 134 -4.93 14.29 9.30
N LYS A 135 -5.42 13.94 8.14
CA LYS A 135 -6.87 14.10 7.85
C LYS A 135 -7.69 13.29 8.87
N ARG A 136 -7.33 12.05 9.08
CA ARG A 136 -8.08 11.20 10.05
C ARG A 136 -7.83 11.69 11.48
N LEU A 137 -6.68 12.24 11.74
CA LEU A 137 -6.38 12.72 13.11
C LEU A 137 -7.45 13.75 13.50
N LEU A 138 -7.80 14.63 12.60
CA LEU A 138 -8.84 15.64 12.92
C LEU A 138 -10.15 14.93 13.26
N ARG A 139 -10.47 13.89 12.55
CA ARG A 139 -11.73 13.17 12.88
C ARG A 139 -11.58 12.50 14.25
N ASN A 140 -10.42 11.95 14.51
CA ASN A 140 -10.17 11.26 15.81
C ASN A 140 -10.30 12.23 16.99
N ILE A 141 -9.85 13.46 16.84
CA ILE A 141 -9.99 14.40 17.98
C ILE A 141 -11.46 14.77 18.13
N LEU A 142 -12.12 15.01 17.04
CA LEU A 142 -13.56 15.36 17.11
C LEU A 142 -14.37 14.11 17.49
N GLY A 143 -13.92 12.96 17.07
CA GLY A 143 -14.66 11.70 17.40
C GLY A 143 -15.77 11.51 16.38
N LEU A 144 -15.49 11.74 15.13
CA LEU A 144 -16.52 11.60 14.07
C LEU A 144 -16.79 10.12 13.78
N LYS A 145 -18.02 9.83 13.41
CA LYS A 145 -18.40 8.42 13.10
C LYS A 145 -17.58 7.87 11.94
N ILE A 146 -17.15 6.64 12.04
CA ILE A 146 -16.37 5.99 10.93
C ILE A 146 -17.18 4.81 10.42
N ILE A 147 -17.37 4.79 9.13
CA ILE A 147 -18.17 3.72 8.49
C ILE A 147 -17.45 2.37 8.61
N ASP A 148 -16.15 2.35 8.46
CA ASP A 148 -15.40 1.06 8.55
C ASP A 148 -15.88 0.11 7.46
N LEU A 149 -15.04 -0.19 6.51
CA LEU A 149 -15.43 -1.09 5.40
C LEU A 149 -15.43 -2.55 5.87
N SER A 150 -15.10 -2.80 7.10
CA SER A 150 -15.09 -4.21 7.59
C SER A 150 -16.50 -4.62 8.07
N ALA A 151 -17.37 -3.66 8.27
CA ALA A 151 -18.76 -3.98 8.76
C ALA A 151 -19.67 -4.44 7.62
N ILE A 152 -19.14 -5.01 6.58
CA ILE A 152 -20.02 -5.45 5.46
C ILE A 152 -20.52 -6.88 5.71
N GLN A 153 -21.82 -7.07 5.80
CA GLN A 153 -22.38 -8.45 6.02
C GLN A 153 -22.90 -9.04 4.71
N ASP A 154 -23.04 -8.24 3.67
CA ASP A 154 -23.58 -8.77 2.37
C ASP A 154 -22.65 -8.42 1.21
N GLU A 155 -22.64 -9.24 0.19
CA GLU A 155 -21.77 -8.97 -0.98
C GLU A 155 -22.23 -7.67 -1.64
N VAL A 156 -21.32 -6.81 -1.98
CA VAL A 156 -21.70 -5.52 -2.63
C VAL A 156 -20.56 -5.02 -3.51
N ILE A 157 -20.83 -4.08 -4.38
CA ILE A 157 -19.74 -3.51 -5.21
C ILE A 157 -19.25 -2.27 -4.46
N LEU A 158 -17.98 -1.95 -4.54
CA LEU A 158 -17.46 -0.78 -3.79
C LEU A 158 -17.34 0.44 -4.71
N VAL A 159 -18.07 1.50 -4.40
CA VAL A 159 -18.02 2.73 -5.23
C VAL A 159 -17.58 3.91 -4.35
N ALA A 160 -16.61 4.67 -4.77
CA ALA A 160 -16.14 5.82 -3.94
C ALA A 160 -15.44 6.84 -4.84
N ALA A 161 -15.30 8.05 -4.40
CA ALA A 161 -14.58 9.04 -5.25
C ALA A 161 -13.11 8.62 -5.32
N ASP A 162 -12.58 8.13 -4.24
CA ASP A 162 -11.16 7.67 -4.21
C ASP A 162 -10.91 6.93 -2.90
N LEU A 163 -10.06 5.93 -2.90
CA LEU A 163 -9.77 5.14 -1.66
C LEU A 163 -8.33 5.38 -1.22
N THR A 164 -8.10 5.55 0.07
CA THR A 164 -6.72 5.75 0.58
C THR A 164 -6.12 4.40 1.00
N PRO A 165 -4.83 4.19 0.83
CA PRO A 165 -4.18 2.91 1.22
C PRO A 165 -4.73 2.33 2.53
N SER A 166 -5.04 3.18 3.47
CA SER A 166 -5.56 2.69 4.79
C SER A 166 -6.86 1.89 4.58
N GLU A 167 -7.72 2.34 3.71
CA GLU A 167 -8.99 1.59 3.51
C GLU A 167 -8.71 0.25 2.84
N THR A 168 -7.82 0.22 1.88
CA THR A 168 -7.53 -1.05 1.16
C THR A 168 -7.15 -2.18 2.12
N ALA A 169 -6.52 -1.86 3.21
CA ALA A 169 -6.12 -2.95 4.17
C ALA A 169 -7.33 -3.48 4.92
N GLN A 170 -8.09 -2.61 5.52
CA GLN A 170 -9.30 -3.05 6.28
C GLN A 170 -10.46 -3.19 5.31
N LEU A 171 -10.20 -3.67 4.12
CA LEU A 171 -11.27 -3.85 3.11
C LEU A 171 -11.59 -5.35 2.97
N ASN A 172 -12.85 -5.69 2.86
CA ASN A 172 -13.23 -7.13 2.71
C ASN A 172 -13.15 -7.54 1.23
N LEU A 173 -12.10 -8.22 0.84
CA LEU A 173 -11.96 -8.63 -0.58
C LEU A 173 -13.07 -9.62 -0.98
N LYS A 174 -13.41 -10.55 -0.12
CA LYS A 174 -14.44 -11.56 -0.48
C LYS A 174 -15.84 -10.94 -0.57
N LYS A 175 -16.12 -9.90 0.17
CA LYS A 175 -17.50 -9.32 0.12
C LYS A 175 -17.57 -8.19 -0.92
N VAL A 176 -16.44 -7.79 -1.46
CA VAL A 176 -16.44 -6.73 -2.51
C VAL A 176 -16.27 -7.43 -3.86
N LEU A 177 -17.27 -7.38 -4.70
CA LEU A 177 -17.18 -8.08 -6.02
C LEU A 177 -16.47 -7.21 -7.05
N GLY A 178 -15.95 -6.10 -6.64
CA GLY A 178 -15.24 -5.24 -7.63
C GLY A 178 -14.95 -3.88 -6.99
N PHE A 179 -14.24 -3.03 -7.68
CA PHE A 179 -13.92 -1.69 -7.13
C PHE A 179 -14.16 -0.65 -8.22
N ILE A 180 -14.89 0.39 -7.92
CA ILE A 180 -15.16 1.45 -8.92
C ILE A 180 -14.91 2.81 -8.29
N THR A 181 -14.08 3.62 -8.89
CA THR A 181 -13.79 4.97 -8.31
C THR A 181 -13.46 5.98 -9.40
N ASP A 182 -13.55 7.24 -9.07
CA ASP A 182 -13.25 8.32 -10.05
C ASP A 182 -11.88 8.93 -9.76
N ALA A 183 -10.99 8.20 -9.13
CA ALA A 183 -9.65 8.75 -8.80
C ALA A 183 -8.94 9.29 -10.07
N GLY A 184 -7.65 9.49 -9.98
CA GLY A 184 -6.87 10.02 -11.13
C GLY A 184 -6.66 8.93 -12.18
N GLY A 185 -6.15 7.78 -11.80
CA GLY A 185 -5.93 6.71 -12.82
C GLY A 185 -5.09 5.61 -12.15
N ARG A 186 -3.80 5.82 -12.10
CA ARG A 186 -2.90 4.82 -11.45
C ARG A 186 -3.14 4.82 -9.95
N THR A 187 -3.32 5.97 -9.36
CA THR A 187 -3.54 6.03 -7.89
C THR A 187 -2.43 5.23 -7.19
N SER A 188 -2.35 5.35 -5.89
CA SER A 188 -1.29 4.63 -5.13
C SER A 188 -1.34 3.13 -5.46
N HIS A 189 -1.45 2.28 -4.47
CA HIS A 189 -1.50 0.80 -4.70
C HIS A 189 -2.93 0.34 -4.98
N THR A 190 -3.87 1.23 -4.95
CA THR A 190 -5.29 0.83 -5.20
C THR A 190 -5.48 0.34 -6.63
N SER A 191 -5.71 1.22 -7.57
CA SER A 191 -5.86 0.79 -8.99
C SER A 191 -4.87 -0.37 -9.19
N ILE A 192 -3.71 -0.29 -8.60
CA ILE A 192 -2.72 -1.38 -8.75
C ILE A 192 -3.28 -2.67 -8.16
N MET A 193 -3.99 -2.57 -7.06
CA MET A 193 -4.56 -3.79 -6.43
C MET A 193 -5.51 -4.51 -7.39
N ALA A 194 -6.32 -3.79 -8.12
CA ALA A 194 -7.25 -4.47 -9.06
C ALA A 194 -6.42 -5.30 -10.04
N ARG A 195 -5.35 -4.75 -10.51
CA ARG A 195 -4.50 -5.51 -11.48
C ARG A 195 -3.99 -6.79 -10.81
N SER A 196 -3.29 -6.66 -9.72
CA SER A 196 -2.74 -7.85 -9.01
C SER A 196 -3.86 -8.77 -8.50
N LEU A 197 -4.93 -8.23 -8.00
CA LEU A 197 -6.03 -9.10 -7.49
C LEU A 197 -6.73 -9.78 -8.66
N GLU A 198 -6.63 -9.20 -9.82
CA GLU A 198 -7.30 -9.77 -11.03
C GLU A 198 -8.82 -9.74 -10.85
N LEU A 199 -9.36 -8.61 -10.46
CA LEU A 199 -10.84 -8.47 -10.29
C LEU A 199 -11.29 -7.26 -11.13
N PRO A 200 -12.47 -7.31 -11.74
CA PRO A 200 -12.96 -6.17 -12.58
C PRO A 200 -13.08 -4.87 -11.79
N ALA A 201 -12.68 -3.75 -12.35
CA ALA A 201 -12.77 -2.46 -11.59
C ALA A 201 -12.44 -1.26 -12.49
N ILE A 202 -13.03 -0.12 -12.18
CA ILE A 202 -12.76 1.15 -12.94
C ILE A 202 -12.25 2.20 -11.95
N VAL A 203 -11.40 3.11 -12.39
CA VAL A 203 -10.86 4.16 -11.46
C VAL A 203 -11.03 5.55 -12.07
N GLY A 204 -11.40 5.63 -13.33
CA GLY A 204 -11.57 6.96 -14.01
C GLY A 204 -13.04 7.23 -14.33
N THR A 205 -13.95 6.61 -13.62
CA THR A 205 -15.39 6.83 -13.91
C THR A 205 -15.66 8.33 -14.11
N GLY A 206 -15.10 9.16 -13.28
CA GLY A 206 -15.31 10.64 -13.42
C GLY A 206 -16.46 11.12 -12.54
N SER A 207 -17.62 10.49 -12.62
CA SER A 207 -18.75 10.98 -11.78
C SER A 207 -19.83 9.90 -11.63
N VAL A 208 -19.44 8.68 -11.44
CA VAL A 208 -20.46 7.60 -11.27
C VAL A 208 -21.04 7.66 -9.85
N THR A 209 -20.20 7.88 -8.86
CA THR A 209 -20.71 7.92 -7.46
C THR A 209 -21.82 8.96 -7.30
N SER A 210 -21.78 10.02 -8.07
CA SER A 210 -22.83 11.07 -7.94
C SER A 210 -24.11 10.59 -8.63
N GLN A 211 -24.00 9.55 -9.41
CA GLN A 211 -25.19 9.01 -10.13
C GLN A 211 -25.70 7.75 -9.41
N VAL A 212 -24.92 7.21 -8.51
CA VAL A 212 -25.33 5.95 -7.79
C VAL A 212 -25.68 6.24 -6.33
N LYS A 213 -26.70 5.57 -5.83
CA LYS A 213 -27.09 5.71 -4.40
C LYS A 213 -26.76 4.36 -3.75
N ASN A 214 -26.55 4.30 -2.48
CA ASN A 214 -26.24 2.96 -1.89
C ASN A 214 -27.42 2.04 -2.13
N ASP A 215 -27.15 0.75 -2.21
CA ASP A 215 -28.23 -0.28 -2.43
C ASP A 215 -28.69 -0.28 -3.89
N ASP A 216 -28.01 0.43 -4.76
CA ASP A 216 -28.42 0.42 -6.19
C ASP A 216 -27.90 -0.87 -6.84
N TYR A 217 -28.64 -1.45 -7.72
CA TYR A 217 -28.16 -2.70 -8.40
C TYR A 217 -27.43 -2.28 -9.67
N LEU A 218 -26.19 -2.66 -9.81
CA LEU A 218 -25.40 -2.26 -11.02
C LEU A 218 -24.72 -3.46 -11.65
N ILE A 219 -24.57 -3.47 -12.94
CA ILE A 219 -23.85 -4.58 -13.63
C ILE A 219 -22.61 -3.97 -14.27
N LEU A 220 -21.45 -4.50 -13.98
CA LEU A 220 -20.19 -3.93 -14.55
C LEU A 220 -19.76 -4.75 -15.76
N ASP A 221 -19.71 -4.13 -16.92
CA ASP A 221 -19.28 -4.87 -18.14
C ASP A 221 -17.77 -5.05 -18.10
N ALA A 222 -17.05 -4.01 -17.76
CA ALA A 222 -15.57 -4.12 -17.72
C ALA A 222 -15.07 -4.75 -19.03
N VAL A 223 -15.93 -4.81 -20.02
CA VAL A 223 -15.57 -5.37 -21.35
C VAL A 223 -15.98 -4.35 -22.40
N ASN A 224 -17.18 -3.84 -22.29
CA ASN A 224 -17.66 -2.78 -23.23
C ASN A 224 -17.45 -1.45 -22.52
N ASN A 225 -16.91 -1.52 -21.33
CA ASN A 225 -16.66 -0.29 -20.54
C ASN A 225 -17.97 0.45 -20.30
N GLN A 226 -19.01 -0.26 -19.90
CA GLN A 226 -20.33 0.41 -19.65
C GLN A 226 -20.92 -0.10 -18.33
N VAL A 227 -21.78 0.68 -17.72
CA VAL A 227 -22.43 0.26 -16.44
C VAL A 227 -23.95 0.34 -16.63
N TYR A 228 -24.65 -0.71 -16.28
CA TYR A 228 -26.14 -0.70 -16.42
C TYR A 228 -26.79 -0.47 -15.07
N VAL A 229 -27.59 0.55 -14.95
CA VAL A 229 -28.26 0.89 -13.65
C VAL A 229 -29.72 0.40 -13.65
N ASN A 230 -30.04 -0.56 -12.82
CA ASN A 230 -31.45 -1.06 -12.77
C ASN A 230 -31.93 -1.49 -14.16
N PRO A 231 -31.36 -2.53 -14.69
CA PRO A 231 -31.74 -3.06 -16.04
C PRO A 231 -32.87 -4.09 -15.97
N THR A 232 -33.75 -4.10 -16.93
CA THR A 232 -34.87 -5.07 -16.92
C THR A 232 -34.31 -6.50 -17.11
N ASN A 233 -35.11 -7.49 -16.83
CA ASN A 233 -34.65 -8.90 -17.01
C ASN A 233 -34.26 -9.14 -18.47
N GLU A 234 -35.02 -8.60 -19.39
CA GLU A 234 -34.70 -8.82 -20.83
C GLU A 234 -33.29 -8.28 -21.13
N VAL A 235 -32.93 -7.19 -20.52
CA VAL A 235 -31.57 -6.63 -20.77
C VAL A 235 -30.52 -7.59 -20.20
N ILE A 236 -30.78 -8.14 -19.04
CA ILE A 236 -29.79 -9.08 -18.43
C ILE A 236 -29.71 -10.33 -19.29
N ASP A 237 -30.83 -10.86 -19.69
CA ASP A 237 -30.80 -12.09 -20.54
C ASP A 237 -29.93 -11.79 -21.77
N LYS A 238 -30.11 -10.66 -22.37
CA LYS A 238 -29.30 -10.32 -23.58
C LYS A 238 -27.82 -10.23 -23.17
N MET A 239 -27.54 -9.67 -22.02
CA MET A 239 -26.13 -9.56 -21.55
C MET A 239 -25.60 -10.95 -21.19
N ARG A 240 -26.45 -11.82 -20.72
CA ARG A 240 -25.98 -13.19 -20.35
C ARG A 240 -25.57 -13.96 -21.61
N ALA A 241 -26.31 -13.82 -22.67
CA ALA A 241 -25.94 -14.56 -23.92
C ALA A 241 -24.55 -14.10 -24.35
N VAL A 242 -24.26 -12.83 -24.24
CA VAL A 242 -22.92 -12.33 -24.65
C VAL A 242 -21.86 -12.93 -23.72
N GLN A 243 -22.15 -13.01 -22.45
CA GLN A 243 -21.15 -13.57 -21.50
C GLN A 243 -20.83 -15.01 -21.92
N GLU A 244 -21.83 -15.76 -22.33
CA GLU A 244 -21.58 -17.17 -22.76
C GLU A 244 -20.61 -17.15 -23.95
N GLN A 245 -20.77 -16.23 -24.86
CA GLN A 245 -19.83 -16.16 -26.01
C GLN A 245 -18.42 -15.93 -25.48
N VAL A 246 -18.28 -15.05 -24.54
CA VAL A 246 -16.93 -14.76 -23.97
C VAL A 246 -16.35 -16.04 -23.36
N ALA A 247 -17.15 -16.77 -22.62
CA ALA A 247 -16.65 -18.01 -21.99
C ALA A 247 -16.16 -18.97 -23.09
N SER A 248 -16.92 -19.09 -24.14
CA SER A 248 -16.53 -19.98 -25.26
C SER A 248 -15.23 -19.46 -25.88
N GLU A 249 -15.12 -18.17 -26.01
CA GLU A 249 -13.90 -17.58 -26.61
C GLU A 249 -12.69 -17.86 -25.71
N THR B 19 22.88 -22.13 12.66
CA THR B 19 23.22 -20.98 11.80
C THR B 19 22.70 -21.13 10.39
N ILE B 20 21.93 -20.13 9.97
CA ILE B 20 21.42 -20.11 8.66
C ILE B 20 22.15 -19.09 7.80
N GLU B 21 22.55 -19.55 6.65
CA GLU B 21 23.22 -18.72 5.66
C GLU B 21 22.23 -18.32 4.57
N ILE B 22 22.11 -17.03 4.37
CA ILE B 22 21.26 -16.47 3.31
C ILE B 22 22.17 -16.25 2.12
N ILE B 23 21.83 -16.84 1.02
CA ILE B 23 22.63 -16.73 -0.17
C ILE B 23 22.20 -15.58 -1.04
N ALA B 24 23.15 -15.00 -1.69
CA ALA B 24 22.82 -13.87 -2.51
C ALA B 24 21.79 -14.14 -3.61
N PRO B 25 20.70 -13.42 -3.57
CA PRO B 25 19.62 -13.61 -4.53
C PRO B 25 19.97 -13.01 -5.92
N LEU B 26 20.92 -12.09 -5.95
CA LEU B 26 21.44 -11.48 -7.19
C LEU B 26 22.93 -11.14 -7.03
N SER B 27 23.64 -10.96 -8.16
CA SER B 27 25.05 -10.58 -8.12
C SER B 27 25.20 -9.10 -7.92
N GLY B 28 26.25 -8.72 -7.26
CA GLY B 28 26.48 -7.31 -7.06
C GLY B 28 27.36 -7.08 -5.86
N GLU B 29 27.21 -5.90 -5.32
CA GLU B 29 27.99 -5.43 -4.21
C GLU B 29 27.09 -5.17 -3.03
N ILE B 30 27.51 -5.62 -1.86
CA ILE B 30 26.66 -5.41 -0.72
C ILE B 30 26.71 -3.94 -0.30
N VAL B 31 25.57 -3.45 0.09
CA VAL B 31 25.41 -2.07 0.50
C VAL B 31 24.62 -2.04 1.82
N ASN B 32 24.78 -0.99 2.59
CA ASN B 32 24.06 -0.85 3.87
C ASN B 32 22.60 -0.56 3.62
N ILE B 33 21.76 -1.18 4.38
CA ILE B 33 20.36 -0.95 4.19
C ILE B 33 20.04 0.47 4.59
N GLU B 34 20.85 1.03 5.42
CA GLU B 34 20.59 2.37 5.82
C GLU B 34 20.92 3.33 4.71
N ASP B 35 21.63 2.89 3.71
CA ASP B 35 21.97 3.79 2.62
C ASP B 35 21.01 3.72 1.45
N VAL B 36 19.91 3.08 1.64
CA VAL B 36 18.90 2.96 0.57
C VAL B 36 17.97 4.19 0.59
N PRO B 37 17.76 4.79 -0.57
CA PRO B 37 17.01 6.04 -0.68
C PRO B 37 15.52 5.83 -0.41
N ASP B 38 15.19 5.15 0.64
CA ASP B 38 13.80 4.92 0.95
C ASP B 38 13.68 4.80 2.46
N VAL B 39 12.97 5.71 3.08
CA VAL B 39 12.86 5.65 4.53
C VAL B 39 12.23 4.37 4.97
N VAL B 40 11.25 3.83 4.31
CA VAL B 40 10.70 2.60 4.83
C VAL B 40 11.71 1.48 4.85
N PHE B 41 12.58 1.40 3.94
CA PHE B 41 13.55 0.33 3.99
C PHE B 41 14.72 0.72 4.92
N ALA B 42 15.19 1.94 4.75
CA ALA B 42 16.32 2.47 5.50
C ALA B 42 16.00 2.43 6.95
N GLU B 43 14.73 2.72 7.32
CA GLU B 43 14.36 2.68 8.73
C GLU B 43 13.95 1.29 9.14
N LYS B 44 14.10 0.34 8.23
CA LYS B 44 13.79 -1.07 8.45
C LYS B 44 12.41 -1.32 8.99
N ILE B 45 11.47 -0.59 8.52
CA ILE B 45 10.14 -0.79 8.96
C ILE B 45 9.61 -2.15 8.50
N VAL B 46 10.12 -2.53 7.40
CA VAL B 46 9.79 -3.70 6.64
C VAL B 46 10.64 -4.93 7.07
N GLY B 47 11.63 -4.73 7.91
CA GLY B 47 12.47 -5.80 8.44
C GLY B 47 13.90 -5.38 8.34
N ASP B 48 14.83 -6.24 8.68
CA ASP B 48 16.20 -5.82 8.56
C ASP B 48 17.02 -6.69 7.61
N GLY B 49 18.09 -6.15 7.04
CA GLY B 49 18.89 -6.99 6.17
C GLY B 49 19.98 -6.18 5.45
N ILE B 50 20.19 -6.43 4.15
CA ILE B 50 21.17 -5.68 3.39
C ILE B 50 20.55 -5.30 2.05
N ALA B 51 21.30 -4.54 1.28
CA ALA B 51 20.94 -4.13 -0.08
C ALA B 51 22.07 -4.59 -1.03
N ILE B 52 21.77 -4.72 -2.31
CA ILE B 52 22.73 -5.12 -3.31
C ILE B 52 22.66 -4.22 -4.53
N LYS B 53 23.79 -3.70 -4.93
CA LYS B 53 23.84 -2.92 -6.16
C LYS B 53 24.04 -4.02 -7.21
N PRO B 54 23.03 -4.28 -8.00
CA PRO B 54 23.01 -5.43 -8.92
C PRO B 54 23.97 -5.26 -10.12
N THR B 55 24.48 -6.36 -10.64
CA THR B 55 25.36 -6.36 -11.81
C THR B 55 24.99 -7.51 -12.75
N GLY B 56 23.97 -8.29 -12.42
CA GLY B 56 23.62 -9.43 -13.25
C GLY B 56 22.31 -9.27 -14.03
N ASN B 57 21.56 -10.38 -14.19
CA ASN B 57 20.32 -10.37 -14.92
C ASN B 57 19.30 -11.27 -14.31
N LYS B 58 19.48 -11.71 -13.10
CA LYS B 58 18.44 -12.53 -12.59
C LYS B 58 18.39 -12.57 -11.06
N MET B 59 17.20 -12.86 -10.54
CA MET B 59 16.98 -12.98 -9.13
C MET B 59 16.60 -14.43 -8.79
N VAL B 60 17.38 -15.08 -7.92
CA VAL B 60 17.11 -16.45 -7.55
C VAL B 60 16.73 -16.56 -6.10
N ALA B 61 16.37 -17.75 -5.75
CA ALA B 61 15.97 -18.06 -4.37
C ALA B 61 17.17 -17.95 -3.47
N PRO B 62 17.11 -17.19 -2.39
CA PRO B 62 18.30 -17.10 -1.53
C PRO B 62 18.32 -18.25 -0.51
N VAL B 63 17.30 -19.09 -0.53
CA VAL B 63 17.20 -20.20 0.44
C VAL B 63 16.28 -21.29 -0.08
N ASP B 64 16.36 -22.45 0.53
CA ASP B 64 15.45 -23.54 0.20
C ASP B 64 14.19 -23.21 0.98
N GLY B 65 13.08 -23.17 0.29
CA GLY B 65 11.83 -22.76 0.92
C GLY B 65 10.74 -22.66 -0.12
N THR B 66 9.71 -21.90 0.19
CA THR B 66 8.58 -21.81 -0.73
C THR B 66 8.31 -20.38 -1.13
N ILE B 67 8.09 -20.10 -2.40
CA ILE B 67 7.81 -18.71 -2.76
C ILE B 67 6.47 -18.37 -2.18
N GLY B 68 6.34 -17.20 -1.69
CA GLY B 68 5.11 -16.75 -1.11
C GLY B 68 4.31 -15.83 -2.01
N LYS B 69 4.86 -14.71 -2.28
CA LYS B 69 4.17 -13.74 -3.08
C LYS B 69 5.11 -13.03 -4.03
N ILE B 70 4.60 -12.90 -5.25
CA ILE B 70 5.29 -12.25 -6.33
C ILE B 70 4.44 -11.04 -6.68
N PHE B 71 5.05 -9.89 -6.68
CA PHE B 71 4.33 -8.66 -6.98
C PHE B 71 3.82 -8.76 -8.43
N GLU B 72 2.66 -8.20 -8.66
CA GLU B 72 1.99 -8.22 -9.95
C GLU B 72 2.86 -7.50 -11.02
N THR B 73 3.83 -6.75 -10.59
CA THR B 73 4.77 -6.03 -11.46
C THR B 73 6.04 -6.83 -11.61
N ASN B 74 5.97 -7.97 -11.06
CA ASN B 74 7.02 -8.96 -11.14
C ASN B 74 8.37 -8.40 -10.79
N HIS B 75 8.47 -7.62 -9.73
CA HIS B 75 9.72 -7.04 -9.40
C HIS B 75 10.17 -7.32 -7.94
N ALA B 76 9.39 -8.00 -7.18
CA ALA B 76 9.71 -8.30 -5.83
C ALA B 76 9.02 -9.57 -5.38
N PHE B 77 9.60 -10.26 -4.44
CA PHE B 77 8.95 -11.46 -3.98
C PHE B 77 9.28 -11.81 -2.53
N SER B 78 8.49 -12.72 -2.02
CA SER B 78 8.58 -13.21 -0.67
C SER B 78 8.88 -14.70 -0.69
N ILE B 79 9.72 -15.18 0.19
CA ILE B 79 9.97 -16.61 0.29
C ILE B 79 10.16 -16.95 1.74
N GLU B 80 9.80 -18.15 2.11
CA GLU B 80 9.97 -18.62 3.47
C GLU B 80 10.89 -19.78 3.40
N SER B 81 11.92 -19.81 4.18
CA SER B 81 12.85 -20.89 4.06
C SER B 81 12.29 -22.07 4.78
N ASP B 82 12.86 -23.18 4.56
CA ASP B 82 12.38 -24.35 5.29
C ASP B 82 12.73 -24.17 6.78
N SER B 83 13.83 -23.49 7.03
CA SER B 83 14.36 -23.20 8.34
C SER B 83 13.49 -22.20 9.11
N GLY B 84 12.40 -21.84 8.53
CA GLY B 84 11.45 -20.88 9.07
C GLY B 84 11.80 -19.38 8.93
N VAL B 85 12.74 -18.97 8.13
CA VAL B 85 13.01 -17.54 8.00
C VAL B 85 12.18 -16.93 6.83
N GLU B 86 11.53 -15.79 7.07
CA GLU B 86 10.77 -15.07 6.03
C GLU B 86 11.62 -13.93 5.43
N LEU B 87 11.84 -13.97 4.13
CA LEU B 87 12.65 -12.97 3.44
C LEU B 87 11.82 -12.19 2.46
N PHE B 88 12.30 -11.03 2.11
CA PHE B 88 11.61 -10.23 1.14
C PHE B 88 12.61 -9.46 0.27
N VAL B 89 12.71 -9.89 -0.96
CA VAL B 89 13.59 -9.31 -1.97
C VAL B 89 12.84 -8.37 -2.89
N HIS B 90 13.22 -7.10 -2.84
CA HIS B 90 12.56 -6.13 -3.67
C HIS B 90 13.58 -5.41 -4.61
N PHE B 91 13.57 -5.71 -5.91
CA PHE B 91 14.48 -5.04 -6.82
C PHE B 91 14.29 -3.51 -6.99
N GLY B 92 15.35 -2.73 -6.75
CA GLY B 92 15.30 -1.29 -6.96
C GLY B 92 14.42 -0.54 -5.98
N ILE B 93 14.31 0.76 -6.24
CA ILE B 93 13.51 1.65 -5.46
C ILE B 93 12.42 2.25 -6.35
N ASP B 94 11.22 2.23 -5.81
CA ASP B 94 10.06 2.69 -6.50
C ASP B 94 9.90 1.97 -7.86
N THR B 95 10.42 0.79 -8.02
CA THR B 95 10.30 0.09 -9.26
C THR B 95 8.86 -0.31 -9.67
N VAL B 96 7.91 -0.36 -8.79
CA VAL B 96 6.53 -0.69 -9.19
C VAL B 96 6.05 0.30 -10.24
N GLU B 97 6.52 1.53 -10.14
CA GLU B 97 6.09 2.54 -11.11
C GLU B 97 6.43 2.13 -12.57
N LEU B 98 7.34 1.22 -12.82
CA LEU B 98 7.63 0.80 -14.18
C LEU B 98 6.58 -0.20 -14.77
N LYS B 99 5.64 -0.58 -14.00
CA LYS B 99 4.59 -1.52 -14.35
C LYS B 99 5.03 -2.82 -15.02
N GLY B 100 6.05 -3.45 -14.50
CA GLY B 100 6.48 -4.74 -15.03
C GLY B 100 7.55 -4.67 -16.14
N GLU B 101 7.79 -3.53 -16.67
CA GLU B 101 8.78 -3.35 -17.73
C GLU B 101 10.19 -3.71 -17.26
N GLY B 102 10.83 -4.68 -17.93
CA GLY B 102 12.19 -5.10 -17.61
C GLY B 102 12.29 -6.34 -16.74
N PHE B 103 11.20 -6.80 -16.25
CA PHE B 103 11.11 -8.00 -15.43
C PHE B 103 10.29 -9.10 -16.13
N LYS B 104 10.59 -10.34 -15.82
CA LYS B 104 9.91 -11.51 -16.31
C LYS B 104 9.79 -12.53 -15.20
N ARG B 105 8.59 -12.78 -14.77
CA ARG B 105 8.38 -13.77 -13.73
C ARG B 105 8.70 -15.10 -14.22
N ILE B 106 9.62 -15.78 -13.55
CA ILE B 106 9.91 -17.07 -14.08
C ILE B 106 9.28 -18.09 -13.18
N ALA B 107 9.24 -17.84 -11.89
CA ALA B 107 8.66 -18.82 -11.01
C ALA B 107 7.18 -18.53 -10.71
N GLU B 108 6.54 -19.40 -9.93
CA GLU B 108 5.14 -19.20 -9.57
C GLU B 108 4.94 -19.04 -8.06
N GLU B 109 3.91 -18.30 -7.64
CA GLU B 109 3.64 -18.23 -6.19
C GLU B 109 3.35 -19.65 -5.68
N GLY B 110 3.91 -20.00 -4.54
CA GLY B 110 3.72 -21.32 -3.94
C GLY B 110 4.77 -22.30 -4.41
N GLN B 111 5.58 -21.89 -5.32
CA GLN B 111 6.60 -22.78 -5.78
C GLN B 111 7.63 -23.12 -4.70
N ARG B 112 7.98 -24.38 -4.67
CA ARG B 112 8.99 -24.88 -3.80
C ARG B 112 10.29 -24.70 -4.49
N VAL B 113 11.26 -24.17 -3.79
CA VAL B 113 12.52 -23.92 -4.47
C VAL B 113 13.69 -24.24 -3.64
N LYS B 114 14.75 -24.42 -4.36
CA LYS B 114 16.02 -24.62 -3.76
C LYS B 114 16.87 -23.41 -4.04
N VAL B 115 17.85 -23.20 -3.22
CA VAL B 115 18.77 -22.13 -3.43
C VAL B 115 19.23 -22.05 -4.88
N GLY B 116 19.26 -20.86 -5.43
CA GLY B 116 19.72 -20.67 -6.78
C GLY B 116 18.63 -20.78 -7.84
N ASP B 117 17.48 -21.28 -7.50
CA ASP B 117 16.39 -21.39 -8.49
C ASP B 117 15.99 -20.01 -8.97
N THR B 118 15.79 -19.86 -10.28
CA THR B 118 15.43 -18.53 -10.83
C THR B 118 14.01 -18.20 -10.55
N VAL B 119 13.83 -17.00 -10.07
CA VAL B 119 12.56 -16.49 -9.75
C VAL B 119 12.14 -15.48 -10.80
N ILE B 120 13.02 -14.57 -11.09
CA ILE B 120 12.74 -13.53 -12.03
C ILE B 120 13.93 -13.07 -12.79
N GLU B 121 13.71 -12.73 -14.06
CA GLU B 121 14.83 -12.21 -14.79
C GLU B 121 14.53 -10.78 -15.07
N PHE B 122 15.57 -9.98 -15.09
CA PHE B 122 15.40 -8.59 -15.34
C PHE B 122 16.38 -8.07 -16.40
N ASP B 123 16.08 -6.90 -16.92
CA ASP B 123 16.90 -6.17 -17.90
C ASP B 123 17.69 -5.06 -17.18
N LEU B 124 18.92 -5.30 -16.85
CA LEU B 124 19.65 -4.28 -16.10
C LEU B 124 19.77 -2.93 -16.77
N PRO B 125 20.26 -2.90 -17.90
CA PRO B 125 20.51 -1.65 -18.58
C PRO B 125 19.21 -0.84 -18.68
N LEU B 126 18.13 -1.50 -19.05
CA LEU B 126 16.83 -0.83 -19.12
C LEU B 126 16.51 -0.21 -17.75
N LEU B 127 16.60 -0.97 -16.71
CA LEU B 127 16.28 -0.49 -15.37
C LEU B 127 17.28 0.52 -14.88
N GLU B 128 18.48 0.40 -15.29
CA GLU B 128 19.46 1.35 -14.84
C GLU B 128 19.05 2.69 -15.41
N GLU B 129 18.55 2.66 -16.61
CA GLU B 129 18.08 3.86 -17.26
C GLU B 129 16.74 4.34 -16.73
N LYS B 130 15.80 3.46 -16.50
CA LYS B 130 14.48 3.89 -16.08
C LYS B 130 14.23 3.91 -14.59
N ALA B 131 14.84 3.08 -13.84
CA ALA B 131 14.55 3.04 -12.43
C ALA B 131 15.19 4.14 -11.60
N LYS B 132 14.44 4.62 -10.59
CA LYS B 132 14.96 5.68 -9.70
C LYS B 132 16.29 5.18 -9.09
N SER B 133 16.33 3.93 -8.79
CA SER B 133 17.48 3.23 -8.24
C SER B 133 17.31 1.71 -8.38
N THR B 134 18.43 1.05 -8.64
CA THR B 134 18.52 -0.40 -8.81
C THR B 134 18.94 -1.06 -7.49
N LEU B 135 19.16 -0.27 -6.49
CA LEU B 135 19.51 -0.81 -5.15
C LEU B 135 18.38 -1.77 -4.74
N THR B 136 18.77 -2.94 -4.32
CA THR B 136 17.91 -4.04 -4.00
C THR B 136 17.91 -4.56 -2.60
N PRO B 137 16.96 -4.12 -1.77
CA PRO B 137 16.99 -4.61 -0.41
C PRO B 137 16.68 -6.11 -0.28
N VAL B 138 17.37 -6.73 0.63
CA VAL B 138 17.11 -8.10 0.99
C VAL B 138 16.91 -8.08 2.46
N VAL B 139 15.64 -8.20 2.87
CA VAL B 139 15.37 -8.12 4.27
C VAL B 139 14.66 -9.31 4.89
N ILE B 140 14.83 -9.40 6.23
CA ILE B 140 14.22 -10.44 7.02
C ILE B 140 12.98 -9.81 7.58
N SER B 141 11.87 -10.42 7.35
CA SER B 141 10.61 -9.85 7.77
C SER B 141 10.09 -10.44 9.12
N ASN B 142 10.81 -11.38 9.57
CA ASN B 142 10.65 -12.17 10.78
C ASN B 142 11.51 -11.70 11.97
N MET B 143 12.04 -10.53 11.94
CA MET B 143 12.95 -10.09 12.97
C MET B 143 12.67 -10.62 14.40
N ASP B 144 11.47 -10.63 14.84
CA ASP B 144 11.16 -11.12 16.19
C ASP B 144 11.45 -12.59 16.31
N GLU B 145 11.70 -13.35 15.28
CA GLU B 145 11.95 -14.76 15.54
C GLU B 145 13.39 -15.09 15.39
N ILE B 146 14.27 -14.12 15.33
CA ILE B 146 15.63 -14.52 15.13
C ILE B 146 16.58 -14.07 16.23
N LYS B 147 17.50 -14.96 16.56
CA LYS B 147 18.46 -14.66 17.61
C LYS B 147 19.50 -13.68 17.10
N GLU B 148 20.17 -13.93 16.02
CA GLU B 148 21.10 -12.93 15.55
C GLU B 148 21.23 -12.89 14.04
N LEU B 149 21.42 -11.66 13.62
CA LEU B 149 21.64 -11.27 12.27
C LEU B 149 23.05 -10.66 12.12
N ILE B 150 23.88 -11.39 11.42
CA ILE B 150 25.26 -10.99 11.10
C ILE B 150 25.32 -10.64 9.61
N LYS B 151 25.53 -9.38 9.33
CA LYS B 151 25.61 -8.83 7.98
C LYS B 151 26.97 -8.95 7.37
N LEU B 152 27.00 -9.48 6.14
CA LEU B 152 28.24 -9.66 5.48
C LEU B 152 28.57 -8.51 4.59
N SER B 153 29.74 -8.60 4.05
CA SER B 153 30.29 -7.52 3.24
C SER B 153 30.87 -7.96 1.87
N GLY B 154 31.01 -7.01 0.94
CA GLY B 154 31.66 -7.32 -0.33
C GLY B 154 30.78 -7.58 -1.56
N SER B 155 31.43 -8.27 -2.49
CA SER B 155 30.86 -8.64 -3.78
C SER B 155 30.28 -10.03 -3.69
N VAL B 156 29.16 -10.25 -4.35
CA VAL B 156 28.53 -11.55 -4.27
C VAL B 156 28.18 -12.02 -5.61
N THR B 157 28.01 -13.27 -5.65
CA THR B 157 27.67 -13.91 -6.87
C THR B 157 26.35 -14.69 -6.66
N VAL B 158 25.37 -14.36 -7.49
CA VAL B 158 24.07 -14.99 -7.47
C VAL B 158 24.09 -16.48 -7.15
N GLY B 159 23.34 -16.80 -6.10
CA GLY B 159 23.13 -18.15 -5.65
C GLY B 159 24.38 -18.86 -5.23
N GLU B 160 25.36 -18.12 -4.83
CA GLU B 160 26.57 -18.74 -4.40
C GLU B 160 27.12 -18.10 -3.11
N THR B 161 27.26 -16.83 -3.14
CA THR B 161 27.85 -16.11 -2.02
C THR B 161 26.86 -15.74 -0.92
N PRO B 162 27.13 -16.18 0.31
CA PRO B 162 26.31 -15.87 1.48
C PRO B 162 26.30 -14.35 1.72
N VAL B 163 25.18 -13.79 2.12
CA VAL B 163 25.09 -12.34 2.38
C VAL B 163 24.77 -12.03 3.85
N ILE B 164 24.09 -12.92 4.48
CA ILE B 164 23.70 -12.79 5.87
C ILE B 164 23.84 -14.18 6.54
N ARG B 165 24.10 -14.17 7.82
CA ARG B 165 24.21 -15.35 8.65
C ARG B 165 23.26 -15.12 9.80
N ILE B 166 22.43 -16.08 10.09
CA ILE B 166 21.48 -15.87 11.17
C ILE B 166 21.54 -17.01 12.13
N LYS B 167 21.15 -16.75 13.34
CA LYS B 167 21.08 -17.77 14.37
C LYS B 167 19.66 -17.89 14.88
#